data_6GIK
#
_entry.id   6GIK
#
_entity_poly.entity_id   1
_entity_poly.type   'polypeptide(L)'
_entity_poly.pdbx_seq_one_letter_code
;FLPIVGLLKSLLK
;
_entity_poly.pdbx_strand_id   A
#
# COMPACT_ATOMS: atom_id res chain seq x y z
N PHE A 1 -4.32 -11.64 4.03
CA PHE A 1 -3.99 -11.45 2.62
C PHE A 1 -4.72 -10.23 2.07
N LEU A 2 -4.15 -9.04 2.32
CA LEU A 2 -4.74 -7.79 1.85
C LEU A 2 -3.66 -6.71 1.70
N PRO A 3 -2.66 -6.96 0.84
CA PRO A 3 -1.56 -6.01 0.61
C PRO A 3 -1.98 -4.89 -0.35
N ILE A 4 -2.52 -3.82 0.20
CA ILE A 4 -2.95 -2.68 -0.62
C ILE A 4 -1.73 -1.94 -1.15
N VAL A 5 -0.78 -1.67 -0.26
CA VAL A 5 0.45 -0.95 -0.63
C VAL A 5 0.15 0.52 -0.88
N GLY A 6 -1.12 0.81 -1.00
CA GLY A 6 -1.59 2.18 -1.21
C GLY A 6 -2.06 2.77 0.10
N LEU A 7 -1.97 1.95 1.15
CA LEU A 7 -2.36 2.36 2.49
C LEU A 7 -1.41 1.74 3.49
N LEU A 8 -0.88 0.63 3.04
CA LEU A 8 0.09 -0.15 3.81
C LEU A 8 1.51 0.33 3.49
N LYS A 9 1.59 1.28 2.57
CA LYS A 9 2.88 1.84 2.17
C LYS A 9 2.68 3.09 1.33
N SER A 10 1.43 3.37 1.02
CA SER A 10 1.08 4.55 0.22
C SER A 10 1.97 4.66 -1.01
N LEU A 11 1.78 3.75 -1.96
CA LEU A 11 2.56 3.76 -3.19
C LEU A 11 2.42 5.11 -3.88
N LEU A 12 1.17 5.57 -4.02
CA LEU A 12 0.88 6.86 -4.68
C LEU A 12 0.10 7.76 -3.72
N LYS A 13 -1.07 7.29 -3.29
CA LYS A 13 -1.91 8.07 -2.38
C LYS A 13 -1.08 8.56 -1.19
N PHE A 1 -2.58 -13.32 2.66
CA PHE A 1 -3.12 -11.97 2.75
C PHE A 1 -2.27 -11.01 1.95
N LEU A 2 -2.75 -10.62 0.78
CA LEU A 2 -2.01 -9.69 -0.08
C LEU A 2 -2.05 -8.28 0.52
N PRO A 3 -1.00 -7.45 0.33
CA PRO A 3 -0.96 -6.09 0.86
C PRO A 3 -1.86 -5.14 0.05
N ILE A 4 -2.45 -4.17 0.73
CA ILE A 4 -3.33 -3.21 0.07
C ILE A 4 -2.51 -2.24 -0.78
N VAL A 5 -1.45 -1.69 -0.20
CA VAL A 5 -0.59 -0.74 -0.90
C VAL A 5 -1.33 0.59 -0.99
N GLY A 6 -0.60 1.65 -1.28
CA GLY A 6 -1.20 2.96 -1.35
C GLY A 6 -2.00 3.25 -0.10
N LEU A 7 -1.80 2.40 0.91
CA LEU A 7 -2.48 2.55 2.19
C LEU A 7 -1.73 1.77 3.24
N LEU A 8 -1.10 0.74 2.75
CA LEU A 8 -0.29 -0.16 3.57
C LEU A 8 1.20 0.07 3.27
N LYS A 9 1.49 1.06 2.43
CA LYS A 9 2.88 1.37 2.07
C LYS A 9 2.98 2.74 1.43
N SER A 10 1.83 3.34 1.18
CA SER A 10 1.79 4.67 0.58
C SER A 10 2.75 4.77 -0.61
N LEU A 11 2.30 4.32 -1.77
CA LEU A 11 3.13 4.36 -2.97
C LEU A 11 3.39 5.82 -3.37
N LEU A 12 2.31 6.56 -3.63
CA LEU A 12 2.43 7.96 -4.02
C LEU A 12 3.38 8.70 -3.08
N LYS A 13 2.91 8.95 -1.85
CA LYS A 13 3.72 9.65 -0.87
C LYS A 13 4.93 8.81 -0.47
N PHE A 1 -0.51 -10.55 -3.28
CA PHE A 1 -1.04 -9.37 -3.95
C PHE A 1 -2.28 -8.84 -3.21
N LEU A 2 -2.63 -9.50 -2.11
CA LEU A 2 -3.78 -9.09 -1.33
C LEU A 2 -3.52 -7.73 -0.65
N PRO A 3 -2.30 -7.49 -0.15
CA PRO A 3 -1.96 -6.21 0.52
C PRO A 3 -2.25 -5.02 -0.39
N ILE A 4 -2.70 -3.92 0.21
CA ILE A 4 -3.01 -2.72 -0.55
C ILE A 4 -1.73 -2.03 -1.01
N VAL A 5 -0.86 -1.69 -0.04
CA VAL A 5 0.41 -1.02 -0.34
C VAL A 5 0.15 0.44 -0.66
N GLY A 6 -1.10 0.73 -0.91
CA GLY A 6 -1.55 2.09 -1.20
C GLY A 6 -2.04 2.75 0.07
N LEU A 7 -1.91 2.00 1.17
CA LEU A 7 -2.32 2.47 2.48
C LEU A 7 -1.35 1.96 3.52
N LEU A 8 -0.81 0.82 3.18
CA LEU A 8 0.17 0.12 4.00
C LEU A 8 1.58 0.59 3.64
N LYS A 9 1.66 1.48 2.65
CA LYS A 9 2.94 2.01 2.20
C LYS A 9 2.73 3.19 1.25
N SER A 10 1.46 3.45 0.95
CA SER A 10 1.10 4.55 0.06
C SER A 10 1.94 4.50 -1.23
N LEU A 11 2.54 3.35 -1.49
CA LEU A 11 3.37 3.19 -2.69
C LEU A 11 4.52 4.20 -2.70
N LEU A 12 4.21 5.45 -3.05
CA LEU A 12 5.23 6.49 -3.09
C LEU A 12 4.56 7.87 -2.98
N LYS A 13 3.78 8.23 -3.99
CA LYS A 13 3.10 9.53 -3.99
C LYS A 13 2.00 9.54 -2.94
N PHE A 1 0.74 -9.44 5.57
CA PHE A 1 0.63 -10.07 4.26
C PHE A 1 -0.55 -9.48 3.49
N LEU A 2 -0.58 -9.74 2.19
CA LEU A 2 -1.66 -9.22 1.35
C LEU A 2 -1.83 -7.72 1.56
N PRO A 3 -0.82 -6.94 1.16
CA PRO A 3 -0.84 -5.47 1.31
C PRO A 3 -1.63 -4.79 0.19
N ILE A 4 -2.54 -3.90 0.58
CA ILE A 4 -3.36 -3.19 -0.39
C ILE A 4 -2.50 -2.18 -1.17
N VAL A 5 -1.45 -1.69 -0.53
CA VAL A 5 -0.56 -0.70 -1.14
C VAL A 5 -1.26 0.64 -1.14
N GLY A 6 -0.48 1.70 -1.30
CA GLY A 6 -1.04 3.02 -1.28
C GLY A 6 -1.81 3.27 0.01
N LEU A 7 -1.81 2.28 0.91
CA LEU A 7 -2.50 2.37 2.20
C LEU A 7 -1.76 1.57 3.23
N LEU A 8 -1.13 0.54 2.72
CA LEU A 8 -0.32 -0.38 3.53
C LEU A 8 1.17 -0.15 3.21
N LYS A 9 1.44 0.85 2.39
CA LYS A 9 2.82 1.17 2.01
C LYS A 9 2.88 2.58 1.42
N SER A 10 1.72 3.22 1.30
CA SER A 10 1.66 4.57 0.77
C SER A 10 2.36 4.65 -0.58
N LEU A 11 2.68 3.50 -1.15
CA LEU A 11 3.35 3.47 -2.44
C LEU A 11 4.74 4.11 -2.34
N LEU A 12 5.78 3.30 -2.48
CA LEU A 12 7.15 3.80 -2.40
C LEU A 12 7.32 5.09 -3.20
N LYS A 13 7.94 6.08 -2.59
CA LYS A 13 8.17 7.37 -3.25
C LYS A 13 8.79 7.16 -4.63
N PHE A 1 -0.69 -13.55 2.26
CA PHE A 1 -0.10 -12.60 1.33
C PHE A 1 -1.18 -11.84 0.57
N LEU A 2 -1.47 -10.63 1.03
CA LEU A 2 -2.49 -9.81 0.40
C LEU A 2 -2.40 -8.36 0.88
N PRO A 3 -1.35 -7.64 0.46
CA PRO A 3 -1.15 -6.24 0.86
C PRO A 3 -2.00 -5.28 0.03
N ILE A 4 -2.47 -4.21 0.67
CA ILE A 4 -3.31 -3.22 -0.02
C ILE A 4 -2.44 -2.26 -0.83
N VAL A 5 -1.39 -1.73 -0.20
CA VAL A 5 -0.50 -0.78 -0.87
C VAL A 5 -1.23 0.55 -1.01
N GLY A 6 -0.49 1.60 -1.28
CA GLY A 6 -1.09 2.91 -1.39
C GLY A 6 -1.88 3.24 -0.14
N LEU A 7 -1.70 2.39 0.88
CA LEU A 7 -2.37 2.55 2.16
C LEU A 7 -1.60 1.78 3.21
N LEU A 8 -1.02 0.73 2.74
CA LEU A 8 -0.20 -0.17 3.55
C LEU A 8 1.29 0.12 3.27
N LYS A 9 1.53 1.11 2.41
CA LYS A 9 2.89 1.50 2.06
C LYS A 9 2.90 2.90 1.47
N SER A 10 1.72 3.43 1.23
CA SER A 10 1.57 4.77 0.67
C SER A 10 2.53 4.99 -0.48
N LEU A 11 2.43 4.14 -1.50
CA LEU A 11 3.31 4.24 -2.66
C LEU A 11 3.10 5.59 -3.36
N LEU A 12 1.90 5.80 -3.89
CA LEU A 12 1.59 7.06 -4.58
C LEU A 12 1.85 8.24 -3.66
N LYS A 13 2.83 9.06 -4.03
CA LYS A 13 3.18 10.23 -3.24
C LYS A 13 2.03 11.25 -3.25
N PHE A 1 -2.63 -11.12 -3.63
CA PHE A 1 -2.21 -9.80 -3.15
C PHE A 1 -2.64 -9.60 -1.70
N LEU A 2 -1.74 -9.90 -0.77
CA LEU A 2 -2.03 -9.76 0.66
C LEU A 2 -1.96 -8.29 1.10
N PRO A 3 -1.05 -7.47 0.53
CA PRO A 3 -0.92 -6.06 0.91
C PRO A 3 -1.82 -5.15 0.08
N ILE A 4 -2.37 -4.13 0.73
CA ILE A 4 -3.27 -3.19 0.04
C ILE A 4 -2.47 -2.22 -0.82
N VAL A 5 -1.41 -1.65 -0.24
CA VAL A 5 -0.57 -0.69 -0.96
C VAL A 5 -1.31 0.64 -1.01
N GLY A 6 -0.58 1.70 -1.29
CA GLY A 6 -1.17 3.02 -1.34
C GLY A 6 -2.00 3.28 -0.09
N LEU A 7 -1.81 2.42 0.91
CA LEU A 7 -2.52 2.54 2.18
C LEU A 7 -1.79 1.77 3.24
N LEU A 8 -1.12 0.76 2.76
CA LEU A 8 -0.31 -0.13 3.60
C LEU A 8 1.18 0.06 3.27
N LYS A 9 1.45 0.94 2.30
CA LYS A 9 2.83 1.22 1.90
C LYS A 9 2.95 2.63 1.35
N SER A 10 1.81 3.29 1.20
CA SER A 10 1.77 4.66 0.69
C SER A 10 2.73 4.84 -0.49
N LEU A 11 2.34 4.35 -1.65
CA LEU A 11 3.17 4.45 -2.85
C LEU A 11 3.31 5.91 -3.27
N LEU A 12 4.47 6.50 -3.01
CA LEU A 12 4.73 7.89 -3.37
C LEU A 12 4.97 8.01 -4.88
N LYS A 13 5.58 9.13 -5.27
CA LYS A 13 5.87 9.37 -6.68
C LYS A 13 4.61 9.20 -7.52
N PHE A 1 -1.18 -11.60 4.49
CA PHE A 1 -1.93 -11.93 3.28
C PHE A 1 -2.96 -10.84 2.97
N LEU A 2 -2.50 -9.59 2.99
CA LEU A 2 -3.38 -8.45 2.72
C LEU A 2 -2.57 -7.23 2.26
N PRO A 3 -1.84 -7.36 1.14
CA PRO A 3 -1.02 -6.26 0.59
C PRO A 3 -1.87 -5.24 -0.16
N ILE A 4 -2.38 -4.24 0.56
CA ILE A 4 -3.21 -3.22 -0.06
C ILE A 4 -2.36 -2.24 -0.86
N VAL A 5 -1.29 -1.73 -0.24
CA VAL A 5 -0.42 -0.77 -0.90
C VAL A 5 -1.16 0.55 -1.02
N GLY A 6 -0.44 1.62 -1.28
CA GLY A 6 -1.06 2.93 -1.36
C GLY A 6 -1.91 3.19 -0.12
N LEU A 7 -1.71 2.34 0.88
CA LEU A 7 -2.44 2.44 2.14
C LEU A 7 -1.66 1.70 3.20
N LEU A 8 -1.02 0.68 2.72
CA LEU A 8 -0.16 -0.19 3.55
C LEU A 8 1.31 0.13 3.27
N LYS A 9 1.53 1.05 2.33
CA LYS A 9 2.89 1.46 1.96
C LYS A 9 2.89 2.88 1.42
N SER A 10 1.70 3.45 1.30
CA SER A 10 1.55 4.82 0.82
C SER A 10 2.36 5.05 -0.45
N LEU A 11 2.25 4.12 -1.41
CA LEU A 11 2.97 4.22 -2.68
C LEU A 11 2.07 3.75 -3.82
N LEU A 12 1.72 4.69 -4.72
CA LEU A 12 0.86 4.34 -5.85
C LEU A 12 1.63 3.50 -6.87
N LYS A 13 1.01 2.41 -7.31
CA LYS A 13 1.65 1.52 -8.27
C LYS A 13 1.69 2.18 -9.65
N PHE A 1 -4.30 -12.82 2.31
CA PHE A 1 -3.48 -11.92 3.12
C PHE A 1 -2.62 -11.04 2.24
N LEU A 2 -3.12 -10.71 1.04
CA LEU A 2 -2.37 -9.86 0.12
C LEU A 2 -2.31 -8.42 0.65
N PRO A 3 -1.25 -7.66 0.33
CA PRO A 3 -1.11 -6.27 0.79
C PRO A 3 -2.02 -5.31 0.01
N ILE A 4 -2.45 -4.24 0.68
CA ILE A 4 -3.33 -3.26 0.04
C ILE A 4 -2.50 -2.28 -0.80
N VAL A 5 -1.45 -1.72 -0.22
CA VAL A 5 -0.60 -0.77 -0.92
C VAL A 5 -1.31 0.56 -1.02
N GLY A 6 -0.57 1.61 -1.30
CA GLY A 6 -1.16 2.93 -1.38
C GLY A 6 -1.92 3.25 -0.11
N LEU A 7 -1.73 2.40 0.89
CA LEU A 7 -2.37 2.57 2.18
C LEU A 7 -1.61 1.78 3.22
N LEU A 8 -1.01 0.74 2.73
CA LEU A 8 -0.19 -0.16 3.54
C LEU A 8 1.29 0.18 3.35
N LYS A 9 1.55 1.17 2.50
CA LYS A 9 2.93 1.59 2.25
C LYS A 9 2.97 2.95 1.55
N SER A 10 1.79 3.45 1.22
CA SER A 10 1.69 4.75 0.55
C SER A 10 2.63 4.82 -0.64
N LEU A 11 2.69 3.74 -1.41
CA LEU A 11 3.57 3.70 -2.58
C LEU A 11 3.27 4.89 -3.50
N LEU A 12 2.09 4.86 -4.12
CA LEU A 12 1.69 5.95 -5.01
C LEU A 12 1.36 7.21 -4.22
N LYS A 13 2.37 8.06 -4.02
CA LYS A 13 2.18 9.30 -3.27
C LYS A 13 1.42 10.31 -4.12
N PHE A 1 -4.38 -12.81 2.05
CA PHE A 1 -3.77 -11.81 2.92
C PHE A 1 -2.88 -10.87 2.09
N LEU A 2 -3.28 -10.63 0.85
CA LEU A 2 -2.51 -9.76 -0.03
C LEU A 2 -2.43 -8.35 0.55
N PRO A 3 -1.31 -7.60 0.31
CA PRO A 3 -1.15 -6.23 0.84
C PRO A 3 -2.01 -5.24 0.05
N ILE A 4 -2.52 -4.23 0.73
CA ILE A 4 -3.35 -3.22 0.07
C ILE A 4 -2.49 -2.28 -0.77
N VAL A 5 -1.42 -1.75 -0.17
CA VAL A 5 -0.53 -0.83 -0.87
C VAL A 5 -1.25 0.51 -1.01
N GLY A 6 -0.50 1.55 -1.31
CA GLY A 6 -1.09 2.87 -1.42
C GLY A 6 -1.88 3.20 -0.16
N LEU A 7 -1.69 2.36 0.86
CA LEU A 7 -2.36 2.54 2.14
C LEU A 7 -1.61 1.77 3.18
N LEU A 8 -1.00 0.73 2.70
CA LEU A 8 -0.18 -0.17 3.52
C LEU A 8 1.30 0.16 3.29
N LYS A 9 1.55 1.13 2.42
CA LYS A 9 2.92 1.55 2.11
C LYS A 9 2.93 2.94 1.51
N SER A 10 1.73 3.44 1.23
CA SER A 10 1.57 4.78 0.66
C SER A 10 2.58 5.03 -0.46
N LEU A 11 2.55 4.17 -1.48
CA LEU A 11 3.47 4.31 -2.61
C LEU A 11 3.00 3.45 -3.78
N LEU A 12 2.40 4.11 -4.77
CA LEU A 12 1.91 3.40 -5.95
C LEU A 12 3.07 3.00 -6.86
N LYS A 13 3.21 1.70 -7.11
CA LYS A 13 4.28 1.21 -7.97
C LYS A 13 4.06 1.67 -9.41
N PHE A 1 -0.52 -13.69 1.27
CA PHE A 1 -0.80 -12.31 1.64
C PHE A 1 -0.89 -11.43 0.39
N LEU A 2 -1.30 -10.19 0.58
CA LEU A 2 -1.42 -9.25 -0.53
C LEU A 2 -1.69 -7.84 0.00
N PRO A 3 -0.65 -7.15 0.49
CA PRO A 3 -0.79 -5.78 1.03
C PRO A 3 -1.67 -4.91 0.13
N ILE A 4 -2.47 -4.05 0.76
CA ILE A 4 -3.35 -3.17 0.00
C ILE A 4 -2.53 -2.18 -0.83
N VAL A 5 -1.45 -1.66 -0.24
CA VAL A 5 -0.60 -0.70 -0.92
C VAL A 5 -1.33 0.63 -1.00
N GLY A 6 -0.60 1.69 -1.26
CA GLY A 6 -1.20 3.02 -1.31
C GLY A 6 -2.05 3.27 -0.07
N LEU A 7 -1.86 2.40 0.93
CA LEU A 7 -2.58 2.50 2.19
C LEU A 7 -1.85 1.71 3.24
N LEU A 8 -1.18 0.71 2.75
CA LEU A 8 -0.38 -0.19 3.58
C LEU A 8 1.09 -0.11 3.13
N LYS A 9 1.42 0.92 2.37
CA LYS A 9 2.79 1.11 1.90
C LYS A 9 2.97 2.51 1.31
N SER A 10 1.86 3.21 1.18
CA SER A 10 1.87 4.57 0.63
C SER A 10 2.80 4.68 -0.57
N LEU A 11 2.30 4.30 -1.74
CA LEU A 11 3.10 4.37 -2.97
C LEU A 11 3.17 5.81 -3.47
N LEU A 12 2.00 6.40 -3.73
CA LEU A 12 1.94 7.78 -4.22
C LEU A 12 2.78 8.69 -3.34
N LYS A 13 2.36 8.85 -2.08
CA LYS A 13 3.07 9.71 -1.15
C LYS A 13 4.47 9.15 -0.88
N PHE A 1 -0.69 -11.34 -2.87
CA PHE A 1 -1.41 -10.18 -3.39
C PHE A 1 -2.39 -9.64 -2.36
N LEU A 2 -2.21 -10.06 -1.10
CA LEU A 2 -3.09 -9.61 -0.03
C LEU A 2 -2.81 -8.17 0.38
N PRO A 3 -1.53 -7.71 0.34
CA PRO A 3 -1.18 -6.34 0.71
C PRO A 3 -2.02 -5.31 -0.04
N ILE A 4 -2.51 -4.28 0.66
CA ILE A 4 -3.32 -3.26 0.05
C ILE A 4 -2.46 -2.31 -0.79
N VAL A 5 -1.42 -1.76 -0.19
CA VAL A 5 -0.54 -0.82 -0.87
C VAL A 5 -1.26 0.51 -1.01
N GLY A 6 -0.51 1.56 -1.29
CA GLY A 6 -1.11 2.88 -1.40
C GLY A 6 -1.87 3.22 -0.13
N LEU A 7 -1.68 2.37 0.88
CA LEU A 7 -2.33 2.55 2.17
C LEU A 7 -1.57 1.77 3.21
N LEU A 8 -0.96 0.73 2.72
CA LEU A 8 -0.13 -0.16 3.54
C LEU A 8 1.34 0.22 3.37
N LYS A 9 1.58 1.21 2.51
CA LYS A 9 2.95 1.68 2.26
C LYS A 9 2.93 3.04 1.57
N SER A 10 1.73 3.51 1.23
CA SER A 10 1.58 4.80 0.58
C SER A 10 2.50 4.91 -0.63
N LEU A 11 2.90 3.76 -1.18
CA LEU A 11 3.79 3.73 -2.33
C LEU A 11 5.00 4.62 -2.09
N LEU A 12 5.34 5.46 -3.08
CA LEU A 12 6.48 6.35 -2.95
C LEU A 12 6.25 7.34 -1.80
N LYS A 13 5.21 8.16 -1.94
CA LYS A 13 4.87 9.14 -0.92
C LYS A 13 3.53 9.79 -1.23
N PHE A 1 -3.21 -9.70 7.04
CA PHE A 1 -3.46 -8.46 6.32
C PHE A 1 -2.94 -8.55 4.89
N LEU A 2 -3.86 -8.46 3.93
CA LEU A 2 -3.50 -8.54 2.53
C LEU A 2 -2.69 -7.30 2.12
N PRO A 3 -1.81 -7.42 1.10
CA PRO A 3 -1.00 -6.28 0.63
C PRO A 3 -1.85 -5.26 -0.14
N ILE A 4 -2.39 -4.28 0.58
CA ILE A 4 -3.23 -3.26 -0.04
C ILE A 4 -2.38 -2.30 -0.87
N VAL A 5 -1.34 -1.73 -0.25
CA VAL A 5 -0.48 -0.77 -0.93
C VAL A 5 -1.22 0.55 -1.03
N GLY A 6 -0.48 1.62 -1.29
CA GLY A 6 -1.10 2.93 -1.38
C GLY A 6 -1.91 3.21 -0.13
N LEU A 7 -1.72 2.36 0.87
CA LEU A 7 -2.41 2.50 2.15
C LEU A 7 -1.66 1.73 3.20
N LEU A 8 -1.00 0.72 2.71
CA LEU A 8 -0.17 -0.17 3.54
C LEU A 8 1.31 0.14 3.26
N LYS A 9 1.54 1.05 2.31
CA LYS A 9 2.90 1.45 1.95
C LYS A 9 2.90 2.88 1.43
N SER A 10 1.70 3.42 1.27
CA SER A 10 1.53 4.80 0.79
C SER A 10 2.54 5.15 -0.30
N LEU A 11 2.79 4.21 -1.20
CA LEU A 11 3.75 4.43 -2.28
C LEU A 11 5.09 4.91 -1.73
N LEU A 12 5.71 5.86 -2.44
CA LEU A 12 7.00 6.40 -2.01
C LEU A 12 6.87 7.05 -0.64
N LYS A 13 8.01 7.24 0.02
CA LYS A 13 8.04 7.86 1.34
C LYS A 13 7.05 7.14 2.27
N PHE A 1 -1.99 -11.69 4.92
CA PHE A 1 -2.78 -10.97 3.92
C PHE A 1 -1.89 -10.02 3.12
N LEU A 2 -1.99 -10.11 1.80
CA LEU A 2 -1.19 -9.26 0.93
C LEU A 2 -1.47 -7.77 1.23
N PRO A 3 -0.47 -6.88 1.07
CA PRO A 3 -0.65 -5.44 1.35
C PRO A 3 -1.50 -4.77 0.26
N ILE A 4 -2.35 -3.85 0.68
CA ILE A 4 -3.22 -3.14 -0.25
C ILE A 4 -2.43 -2.11 -1.05
N VAL A 5 -1.39 -1.54 -0.44
CA VAL A 5 -0.57 -0.53 -1.08
C VAL A 5 -1.33 0.79 -1.08
N GLY A 6 -0.60 1.87 -1.28
CA GLY A 6 -1.21 3.18 -1.26
C GLY A 6 -2.14 3.33 -0.07
N LEU A 7 -1.97 2.42 0.90
CA LEU A 7 -2.78 2.42 2.11
C LEU A 7 -2.07 1.67 3.21
N LEU A 8 -1.28 0.75 2.76
CA LEU A 8 -0.48 -0.10 3.66
C LEU A 8 0.96 -0.23 3.17
N LYS A 9 1.42 0.69 2.31
CA LYS A 9 2.80 0.63 1.84
C LYS A 9 3.19 1.89 1.06
N SER A 10 2.25 2.82 0.91
CA SER A 10 2.55 4.05 0.17
C SER A 10 1.52 5.14 0.50
N LEU A 11 0.41 4.76 1.09
CA LEU A 11 -0.63 5.71 1.44
C LEU A 11 -0.96 6.62 0.25
N LEU A 12 -1.62 7.74 0.53
CA LEU A 12 -1.99 8.68 -0.53
C LEU A 12 -0.74 9.36 -1.09
N LYS A 13 0.43 8.91 -0.65
CA LYS A 13 1.68 9.49 -1.11
C LYS A 13 2.85 8.56 -0.77
N PHE A 1 -1.61 -9.92 4.93
CA PHE A 1 -2.55 -10.65 4.09
C PHE A 1 -3.17 -9.73 3.05
N LEU A 2 -3.06 -10.13 1.79
CA LEU A 2 -3.62 -9.33 0.70
C LEU A 2 -3.11 -7.90 0.79
N PRO A 3 -1.81 -7.68 0.51
CA PRO A 3 -1.19 -6.35 0.56
C PRO A 3 -2.07 -5.29 -0.10
N ILE A 4 -2.48 -4.30 0.67
CA ILE A 4 -3.32 -3.21 0.15
C ILE A 4 -2.50 -2.29 -0.75
N VAL A 5 -1.40 -1.78 -0.21
CA VAL A 5 -0.53 -0.87 -0.95
C VAL A 5 -1.22 0.47 -1.06
N GLY A 6 -0.47 1.51 -1.39
CA GLY A 6 -1.02 2.84 -1.47
C GLY A 6 -1.79 3.18 -0.20
N LEU A 7 -1.58 2.34 0.82
CA LEU A 7 -2.21 2.52 2.11
C LEU A 7 -1.46 1.73 3.15
N LEU A 8 -0.86 0.69 2.65
CA LEU A 8 -0.04 -0.20 3.47
C LEU A 8 1.40 0.29 3.45
N LYS A 9 1.64 1.22 2.55
CA LYS A 9 2.96 1.82 2.41
C LYS A 9 2.86 3.18 1.72
N SER A 10 1.65 3.51 1.28
CA SER A 10 1.41 4.79 0.62
C SER A 10 2.29 4.93 -0.60
N LEU A 11 2.65 3.80 -1.21
CA LEU A 11 3.49 3.81 -2.40
C LEU A 11 2.82 4.58 -3.52
N LEU A 12 1.58 4.19 -3.84
CA LEU A 12 0.82 4.84 -4.90
C LEU A 12 0.38 6.23 -4.44
N LYS A 13 0.99 7.26 -5.01
CA LYS A 13 0.65 8.64 -4.65
C LYS A 13 -0.77 8.97 -5.11
N PHE A 1 -7.62 -9.57 0.91
CA PHE A 1 -7.46 -8.15 0.62
C PHE A 1 -6.56 -7.48 1.66
N LEU A 2 -5.60 -8.24 2.16
CA LEU A 2 -4.66 -7.71 3.16
C LEU A 2 -3.59 -6.82 2.51
N PRO A 3 -3.16 -7.11 1.27
CA PRO A 3 -2.12 -6.30 0.59
C PRO A 3 -2.74 -5.17 -0.22
N ILE A 4 -2.11 -3.99 -0.16
CA ILE A 4 -2.59 -2.82 -0.90
C ILE A 4 -1.41 -1.95 -1.33
N VAL A 5 -0.54 -1.62 -0.37
CA VAL A 5 0.64 -0.79 -0.64
C VAL A 5 0.22 0.66 -0.83
N GLY A 6 -1.06 0.84 -1.01
CA GLY A 6 -1.64 2.17 -1.16
C GLY A 6 -2.12 2.69 0.17
N LEU A 7 -1.98 1.84 1.19
CA LEU A 7 -2.39 2.18 2.56
C LEU A 7 -1.38 1.62 3.51
N LEU A 8 -0.77 0.57 3.05
CA LEU A 8 0.27 -0.14 3.81
C LEU A 8 1.64 0.44 3.47
N LYS A 9 1.66 1.44 2.59
CA LYS A 9 2.91 2.08 2.20
C LYS A 9 2.64 3.33 1.35
N SER A 10 1.38 3.53 1.02
CA SER A 10 0.98 4.69 0.22
C SER A 10 1.90 4.86 -0.98
N LEU A 11 1.67 4.08 -2.03
CA LEU A 11 2.49 4.14 -3.23
C LEU A 11 3.96 4.01 -2.86
N LEU A 12 4.69 5.12 -2.92
CA LEU A 12 6.11 5.11 -2.59
C LEU A 12 6.30 5.08 -1.07
N LYS A 13 7.56 5.10 -0.64
CA LYS A 13 7.87 5.07 0.79
C LYS A 13 7.51 6.40 1.45
N PHE A 1 -6.90 1.57 -3.05
CA PHE A 1 -6.77 1.08 -1.69
C PHE A 1 -6.06 -0.28 -1.67
N LEU A 2 -6.72 -1.28 -1.10
CA LEU A 2 -6.15 -2.62 -1.02
C LEU A 2 -4.83 -2.60 -0.24
N PRO A 3 -4.50 -3.67 0.51
CA PRO A 3 -3.26 -3.73 1.30
C PRO A 3 -2.02 -3.81 0.39
N ILE A 4 -0.85 -4.00 1.00
CA ILE A 4 0.41 -4.10 0.26
C ILE A 4 0.75 -2.81 -0.48
N VAL A 5 -0.22 -1.89 -0.61
CA VAL A 5 0.01 -0.63 -1.31
C VAL A 5 -1.16 0.32 -1.05
N GLY A 6 -0.92 1.60 -1.28
CA GLY A 6 -1.96 2.61 -1.08
C GLY A 6 -2.73 2.39 0.20
N LEU A 7 -2.19 1.57 1.08
CA LEU A 7 -2.83 1.30 2.35
C LEU A 7 -1.84 0.66 3.28
N LEU A 8 -0.93 -0.04 2.67
CA LEU A 8 0.15 -0.72 3.39
C LEU A 8 1.51 -0.20 2.91
N LYS A 9 1.52 0.92 2.17
CA LYS A 9 2.77 1.50 1.70
C LYS A 9 2.56 2.90 1.15
N SER A 10 1.31 3.33 1.09
CA SER A 10 0.99 4.66 0.58
C SER A 10 1.67 4.91 -0.76
N LEU A 11 1.61 3.93 -1.65
CA LEU A 11 2.23 4.05 -2.97
C LEU A 11 3.68 4.53 -2.83
N LEU A 12 4.16 5.25 -3.84
CA LEU A 12 5.52 5.77 -3.83
C LEU A 12 5.63 6.97 -2.91
N LYS A 13 5.41 6.75 -1.61
CA LYS A 13 5.49 7.83 -0.64
C LYS A 13 6.88 8.46 -0.66
N PHE A 1 -3.45 -10.03 5.40
CA PHE A 1 -4.46 -9.76 4.39
C PHE A 1 -3.82 -9.15 3.15
N LEU A 2 -2.55 -9.47 2.92
CA LEU A 2 -1.82 -8.95 1.77
C LEU A 2 -1.77 -7.41 1.82
N PRO A 3 -0.69 -6.78 1.32
CA PRO A 3 -0.57 -5.31 1.32
C PRO A 3 -1.46 -4.67 0.25
N ILE A 4 -2.35 -3.78 0.68
CA ILE A 4 -3.25 -3.10 -0.25
C ILE A 4 -2.48 -2.06 -1.06
N VAL A 5 -1.36 -1.59 -0.51
CA VAL A 5 -0.56 -0.58 -1.18
C VAL A 5 -1.28 0.75 -1.11
N GLY A 6 -0.55 1.83 -1.33
CA GLY A 6 -1.15 3.15 -1.25
C GLY A 6 -1.99 3.31 0.00
N LEU A 7 -1.82 2.37 0.94
CA LEU A 7 -2.56 2.40 2.20
C LEU A 7 -1.88 1.52 3.21
N LEU A 8 -1.24 0.52 2.68
CA LEU A 8 -0.48 -0.46 3.47
C LEU A 8 1.00 -0.35 3.08
N LYS A 9 1.32 0.68 2.29
CA LYS A 9 2.70 0.89 1.86
C LYS A 9 2.88 2.32 1.35
N SER A 10 1.77 3.03 1.26
CA SER A 10 1.78 4.42 0.80
C SER A 10 2.47 4.53 -0.56
N LEU A 11 2.79 3.39 -1.17
CA LEU A 11 3.45 3.38 -2.47
C LEU A 11 4.63 4.37 -2.49
N LEU A 12 5.81 3.87 -2.15
CA LEU A 12 7.00 4.71 -2.13
C LEU A 12 7.23 5.33 -3.50
N LYS A 13 7.01 6.63 -3.61
CA LYS A 13 7.19 7.33 -4.88
C LYS A 13 8.64 7.20 -5.36
N PHE A 1 -5.95 -8.10 5.52
CA PHE A 1 -6.57 -7.01 4.75
C PHE A 1 -5.95 -6.92 3.36
N LEU A 2 -5.33 -8.02 2.93
CA LEU A 2 -4.68 -8.06 1.61
C LEU A 2 -3.63 -6.95 1.48
N PRO A 3 -2.58 -7.15 0.66
CA PRO A 3 -1.53 -6.14 0.46
C PRO A 3 -2.02 -4.98 -0.40
N ILE A 4 -2.42 -3.89 0.24
CA ILE A 4 -2.90 -2.71 -0.48
C ILE A 4 -1.73 -1.92 -1.06
N VAL A 5 -0.76 -1.60 -0.20
CA VAL A 5 0.43 -0.84 -0.60
C VAL A 5 0.08 0.62 -0.86
N GLY A 6 -1.20 0.86 -0.96
CA GLY A 6 -1.72 2.22 -1.18
C GLY A 6 -2.19 2.82 0.12
N LEU A 7 -1.94 2.08 1.19
CA LEU A 7 -2.31 2.51 2.54
C LEU A 7 -1.39 1.82 3.50
N LEU A 8 -0.93 0.70 3.03
CA LEU A 8 0.01 -0.14 3.78
C LEU A 8 1.44 0.34 3.53
N LYS A 9 1.55 1.29 2.62
CA LYS A 9 2.86 1.87 2.27
C LYS A 9 2.70 3.08 1.36
N SER A 10 1.47 3.33 0.95
CA SER A 10 1.19 4.47 0.08
C SER A 10 2.10 4.43 -1.15
N LEU A 11 1.59 3.86 -2.23
CA LEU A 11 2.36 3.76 -3.47
C LEU A 11 2.30 5.08 -4.25
N LEU A 12 3.04 6.08 -3.75
CA LEU A 12 3.07 7.40 -4.39
C LEU A 12 4.28 7.51 -5.33
N LYS A 13 4.82 6.36 -5.71
CA LYS A 13 5.98 6.33 -6.60
C LYS A 13 7.11 7.20 -6.03
N PHE A 1 -3.24 -10.49 6.11
CA PHE A 1 -4.05 -9.73 5.18
C PHE A 1 -3.26 -9.43 3.90
N LEU A 2 -3.93 -9.46 2.76
CA LEU A 2 -3.29 -9.20 1.48
C LEU A 2 -2.70 -7.77 1.48
N PRO A 3 -1.61 -7.52 0.73
CA PRO A 3 -0.99 -6.19 0.66
C PRO A 3 -1.86 -5.19 -0.11
N ILE A 4 -2.37 -4.19 0.60
CA ILE A 4 -3.22 -3.18 -0.03
C ILE A 4 -2.37 -2.20 -0.83
N VAL A 5 -1.31 -1.67 -0.22
CA VAL A 5 -0.44 -0.72 -0.88
C VAL A 5 -1.19 0.61 -1.00
N GLY A 6 -0.47 1.67 -1.27
CA GLY A 6 -1.11 2.98 -1.36
C GLY A 6 -1.93 3.26 -0.11
N LEU A 7 -1.72 2.41 0.91
CA LEU A 7 -2.42 2.54 2.18
C LEU A 7 -1.66 1.78 3.24
N LEU A 8 -1.05 0.73 2.77
CA LEU A 8 -0.22 -0.15 3.62
C LEU A 8 1.25 0.12 3.37
N LYS A 9 1.53 1.03 2.42
CA LYS A 9 2.91 1.40 2.09
C LYS A 9 2.96 2.80 1.51
N SER A 10 1.78 3.34 1.24
CA SER A 10 1.65 4.68 0.68
C SER A 10 2.11 4.73 -0.78
N LEU A 11 3.09 3.89 -1.14
CA LEU A 11 3.59 3.87 -2.51
C LEU A 11 2.47 3.57 -3.50
N LEU A 12 2.84 3.11 -4.68
CA LEU A 12 1.86 2.79 -5.72
C LEU A 12 2.53 2.02 -6.86
N LYS A 13 3.52 2.65 -7.48
CA LYS A 13 4.23 2.03 -8.59
C LYS A 13 5.14 0.90 -8.08
N PHE A 1 -1.36 -14.03 1.62
CA PHE A 1 -1.06 -12.61 1.86
C PHE A 1 -2.22 -11.74 1.38
N LEU A 2 -2.10 -10.43 1.62
CA LEU A 2 -3.14 -9.50 1.21
C LEU A 2 -2.66 -8.06 1.39
N PRO A 3 -1.66 -7.64 0.59
CA PRO A 3 -1.10 -6.29 0.66
C PRO A 3 -1.97 -5.27 -0.09
N ILE A 4 -2.45 -4.26 0.64
CA ILE A 4 -3.30 -3.23 0.04
C ILE A 4 -2.45 -2.28 -0.79
N VAL A 5 -1.38 -1.76 -0.20
CA VAL A 5 -0.50 -0.82 -0.88
C VAL A 5 -1.22 0.51 -1.02
N GLY A 6 -0.48 1.56 -1.31
CA GLY A 6 -1.08 2.88 -1.41
C GLY A 6 -1.87 3.20 -0.15
N LEU A 7 -1.67 2.36 0.86
CA LEU A 7 -2.36 2.52 2.14
C LEU A 7 -1.58 1.78 3.20
N LEU A 8 -0.99 0.73 2.75
CA LEU A 8 -0.14 -0.15 3.58
C LEU A 8 1.34 0.19 3.33
N LYS A 9 1.57 1.16 2.45
CA LYS A 9 2.93 1.59 2.12
C LYS A 9 2.91 2.98 1.51
N SER A 10 1.71 3.47 1.25
CA SER A 10 1.53 4.80 0.67
C SER A 10 2.47 5.01 -0.52
N LEU A 11 2.30 4.18 -1.54
CA LEU A 11 3.13 4.27 -2.74
C LEU A 11 2.85 5.59 -3.47
N LEU A 12 1.59 5.78 -3.86
CA LEU A 12 1.18 6.99 -4.56
C LEU A 12 -0.33 7.19 -4.46
N LYS A 13 -0.74 8.13 -3.62
CA LYS A 13 -2.16 8.41 -3.43
C LYS A 13 -2.94 7.12 -3.14
#